data_6MXG
#
_entry.id   6MXG
#
_cell.length_a   117.570
_cell.length_b   94.370
_cell.length_c   45.000
_cell.angle_alpha   90.00
_cell.angle_beta   111.97
_cell.angle_gamma   90.00
#
_symmetry.space_group_name_H-M   'C 1 2 1'
#
loop_
_entity.id
_entity.type
_entity.pdbx_description
1 polymer 'Hypoxanthine-guanine phosphoribosyltransferase'
2 non-polymer "XANTHOSINE-5'-MONOPHOSPHATE"
3 non-polymer 'MAGNESIUM ION'
4 non-polymer 'SULFATE ION'
5 water water
#
_entity_poly.entity_id   1
_entity_poly.type   'polypeptide(L)'
_entity_poly.pdbx_seq_one_letter_code
;HHHHHHMEPACKYDFATSVLFTEAELHTRMRGVAQRIADDYSNCNLKPLENPLVIVSVLKGSFVFTADMVRILGDFGVPT
RVEFLRASSYGHDTKSCGRVDVKADGLCDIRGKHVLVLEDILDTALTLREVVDSLKKSEPASIKTLVAIDKPGGRKIPFT
AEYVVADVPNVFVVGYGLDYDQSYREVRDVVILKPSVYETWGKELERRKAAGEAKR
;
_entity_poly.pdbx_strand_id   A,B
#
# COMPACT_ATOMS: atom_id res chain seq x y z
N ALA A 10 4.46 -18.31 -22.51
CA ALA A 10 4.75 -18.55 -21.10
C ALA A 10 4.19 -17.43 -20.24
N CYS A 11 3.89 -16.31 -20.87
CA CYS A 11 3.32 -15.16 -20.19
C CYS A 11 1.81 -15.29 -20.08
N LYS A 12 1.28 -14.97 -18.90
CA LYS A 12 -0.16 -14.99 -18.70
C LYS A 12 -0.74 -13.60 -18.98
N TYR A 13 0.03 -12.80 -19.72
CA TYR A 13 -0.38 -11.46 -20.09
C TYR A 13 0.01 -11.18 -21.54
N ASP A 14 -0.11 -9.92 -21.95
CA ASP A 14 0.25 -9.54 -23.32
C ASP A 14 1.45 -8.61 -23.34
N PHE A 15 1.53 -7.74 -22.35
CA PHE A 15 2.57 -6.73 -22.28
C PHE A 15 3.89 -7.31 -21.76
N ALA A 16 3.94 -8.63 -21.64
CA ALA A 16 5.11 -9.30 -21.07
C ALA A 16 5.52 -10.53 -21.85
N THR A 17 6.80 -10.89 -21.77
CA THR A 17 7.31 -12.07 -22.44
C THR A 17 7.36 -13.26 -21.48
N SER A 18 7.59 -12.98 -20.21
CA SER A 18 7.72 -14.04 -19.21
C SER A 18 7.24 -13.59 -17.83
N VAL A 19 6.92 -14.56 -16.99
CA VAL A 19 6.54 -14.29 -15.61
C VAL A 19 7.64 -14.73 -14.65
N LEU A 20 8.46 -13.79 -14.22
CA LEU A 20 9.59 -14.11 -13.35
C LEU A 20 9.14 -14.68 -12.02
N PHE A 21 8.30 -13.93 -11.31
CA PHE A 21 7.75 -14.40 -10.04
C PHE A 21 6.28 -14.02 -9.94
N THR A 22 5.51 -14.81 -9.20
CA THR A 22 4.08 -14.57 -9.06
C THR A 22 3.73 -13.97 -7.71
N GLU A 23 2.45 -13.72 -7.50
CA GLU A 23 1.97 -13.22 -6.22
C GLU A 23 2.07 -14.28 -5.14
N ALA A 24 2.08 -15.55 -5.59
CA ALA A 24 2.18 -16.67 -4.68
C ALA A 24 3.63 -16.99 -4.35
N GLU A 25 4.50 -16.88 -5.35
CA GLU A 25 5.92 -17.06 -5.16
C GLU A 25 6.48 -16.03 -4.20
N LEU A 26 6.04 -14.78 -4.36
CA LEU A 26 6.51 -13.68 -3.53
C LEU A 26 6.01 -13.81 -2.10
N HIS A 27 4.74 -14.10 -1.94
CA HIS A 27 4.12 -14.17 -0.62
C HIS A 27 4.77 -15.22 0.28
N THR A 28 5.14 -16.36 -0.31
CA THR A 28 5.78 -17.42 0.45
C THR A 28 7.19 -17.00 0.86
N ARG A 29 7.87 -16.31 -0.04
CA ARG A 29 9.19 -15.77 0.22
C ARG A 29 9.15 -14.69 1.29
N MET A 30 8.01 -14.01 1.39
CA MET A 30 7.87 -12.89 2.32
C MET A 30 7.62 -13.35 3.76
N ARG A 31 7.00 -14.52 3.92
CA ARG A 31 6.77 -15.08 5.25
C ARG A 31 8.08 -15.56 5.86
N GLY A 32 8.95 -16.09 5.01
CA GLY A 32 10.25 -16.56 5.45
C GLY A 32 11.16 -15.42 5.85
N VAL A 33 10.99 -14.27 5.20
CA VAL A 33 11.79 -13.09 5.53
C VAL A 33 11.18 -12.38 6.73
N ALA A 34 9.88 -12.59 6.93
CA ALA A 34 9.17 -12.00 8.07
C ALA A 34 9.56 -12.70 9.38
N GLN A 35 9.81 -14.00 9.28
CA GLN A 35 10.25 -14.78 10.44
C GLN A 35 11.65 -14.35 10.88
N ARG A 36 12.55 -14.18 9.91
CA ARG A 36 13.91 -13.74 10.18
C ARG A 36 13.91 -12.34 10.77
N ILE A 37 13.01 -11.50 10.26
CA ILE A 37 12.79 -10.18 10.83
C ILE A 37 12.26 -10.32 12.25
N ALA A 38 11.49 -11.38 12.48
CA ALA A 38 10.96 -11.66 13.81
C ALA A 38 12.06 -12.15 14.74
N ASP A 39 12.92 -13.03 14.21
CA ASP A 39 14.04 -13.54 14.99
C ASP A 39 15.00 -12.43 15.40
N ASP A 40 15.40 -11.59 14.44
CA ASP A 40 16.46 -10.63 14.68
C ASP A 40 16.00 -9.34 15.34
N TYR A 41 14.69 -9.23 15.59
CA TYR A 41 14.13 -8.02 16.18
C TYR A 41 13.35 -8.29 17.47
N SER A 42 13.46 -9.51 17.97
CA SER A 42 12.78 -9.86 19.22
C SER A 42 13.54 -9.38 20.45
N ASN A 43 14.78 -8.94 20.26
CA ASN A 43 15.61 -8.50 21.36
C ASN A 43 15.47 -7.00 21.58
N CYS A 44 14.73 -6.36 20.69
CA CYS A 44 14.53 -4.91 20.75
C CYS A 44 13.27 -4.57 21.53
N ASN A 45 12.51 -5.60 21.89
CA ASN A 45 11.26 -5.43 22.62
C ASN A 45 10.29 -4.55 21.84
N LEU A 46 9.82 -5.06 20.71
CA LEU A 46 8.92 -4.30 19.86
C LEU A 46 7.48 -4.30 20.37
N LYS A 47 6.96 -3.11 20.63
CA LYS A 47 5.60 -2.95 21.10
C LYS A 47 4.92 -1.77 20.41
N PRO A 48 3.64 -1.90 20.09
CA PRO A 48 2.87 -0.82 19.46
C PRO A 48 2.93 0.48 20.26
N LEU A 49 2.91 1.61 19.56
CA LEU A 49 2.93 2.91 20.19
C LEU A 49 4.25 3.16 20.92
N GLU A 50 4.53 2.34 21.92
CA GLU A 50 5.75 2.46 22.72
C GLU A 50 7.01 2.42 21.88
N ASN A 51 7.20 1.33 21.14
CA ASN A 51 8.39 1.21 20.31
C ASN A 51 8.18 0.27 19.13
N PRO A 52 7.31 0.66 18.18
CA PRO A 52 7.01 -0.12 16.98
C PRO A 52 8.14 -0.03 15.95
N LEU A 53 8.19 -1.01 15.04
CA LEU A 53 9.21 -1.02 14.01
C LEU A 53 8.83 -0.09 12.87
N VAL A 54 9.51 1.05 12.81
CA VAL A 54 9.25 2.05 11.79
C VAL A 54 9.59 1.56 10.38
N ILE A 55 8.56 1.30 9.58
CA ILE A 55 8.74 0.92 8.20
C ILE A 55 8.73 2.14 7.28
N VAL A 56 9.88 2.44 6.72
CA VAL A 56 10.01 3.57 5.80
C VAL A 56 9.87 3.11 4.35
N SER A 57 8.70 3.33 3.77
CA SER A 57 8.44 2.93 2.39
C SER A 57 8.97 3.96 1.41
N VAL A 58 9.74 3.49 0.42
CA VAL A 58 10.34 4.38 -0.58
C VAL A 58 9.61 4.28 -1.90
N LEU A 59 9.74 5.31 -2.74
CA LEU A 59 9.14 5.33 -4.08
C LEU A 59 7.62 5.31 -4.04
N LYS A 60 7.01 5.26 -5.22
CA LYS A 60 5.57 5.15 -5.34
C LYS A 60 5.17 3.69 -5.50
N GLY A 61 6.16 2.84 -5.77
CA GLY A 61 5.90 1.44 -6.09
C GLY A 61 6.00 0.50 -4.92
N SER A 62 6.81 0.85 -3.92
CA SER A 62 7.00 0.00 -2.76
C SER A 62 5.75 -0.09 -1.91
N PHE A 63 4.74 0.69 -2.28
CA PHE A 63 3.51 0.77 -1.50
C PHE A 63 2.72 -0.53 -1.55
N VAL A 64 2.90 -1.29 -2.62
CA VAL A 64 2.22 -2.58 -2.73
C VAL A 64 2.95 -3.61 -1.88
N PHE A 65 4.25 -3.68 -2.08
CA PHE A 65 5.11 -4.59 -1.31
C PHE A 65 5.06 -4.24 0.17
N THR A 66 4.79 -2.97 0.47
CA THR A 66 4.69 -2.51 1.85
C THR A 66 3.37 -2.91 2.49
N ALA A 67 2.30 -2.88 1.71
CA ALA A 67 0.99 -3.24 2.22
C ALA A 67 0.89 -4.72 2.57
N ASP A 68 1.56 -5.57 1.79
CA ASP A 68 1.48 -7.00 2.00
C ASP A 68 2.50 -7.49 3.03
N MET A 69 3.59 -6.74 3.17
CA MET A 69 4.67 -7.16 4.05
C MET A 69 4.41 -6.78 5.50
N VAL A 70 3.65 -5.70 5.71
CA VAL A 70 3.32 -5.27 7.06
C VAL A 70 2.16 -6.08 7.60
N ARG A 71 1.53 -6.87 6.74
CA ARG A 71 0.48 -7.78 7.18
C ARG A 71 1.03 -9.19 7.35
N ILE A 72 2.29 -9.39 6.96
CA ILE A 72 2.97 -10.66 7.21
C ILE A 72 3.84 -10.52 8.43
N LEU A 73 4.40 -9.33 8.61
CA LEU A 73 5.16 -9.02 9.80
C LEU A 73 4.21 -8.88 10.99
N GLY A 74 2.95 -8.59 10.69
CA GLY A 74 1.92 -8.49 11.71
C GLY A 74 1.47 -9.86 12.20
N ASP A 75 1.58 -10.85 11.32
CA ASP A 75 1.24 -12.23 11.67
C ASP A 75 2.26 -12.83 12.63
N PHE A 76 3.53 -12.48 12.43
CA PHE A 76 4.62 -13.01 13.26
C PHE A 76 4.89 -12.13 14.47
N GLY A 77 4.05 -11.11 14.66
CA GLY A 77 4.15 -10.26 15.83
C GLY A 77 5.15 -9.13 15.72
N VAL A 78 5.24 -8.54 14.53
CA VAL A 78 6.11 -7.39 14.32
C VAL A 78 5.29 -6.14 14.08
N PRO A 79 4.83 -5.49 15.17
CA PRO A 79 4.01 -4.28 15.06
C PRO A 79 4.78 -3.15 14.39
N THR A 80 4.10 -2.35 13.58
CA THR A 80 4.79 -1.33 12.81
C THR A 80 4.03 -0.01 12.70
N ARG A 81 4.79 1.05 12.44
CA ARG A 81 4.23 2.37 12.13
C ARG A 81 4.87 2.88 10.85
N VAL A 82 4.08 3.01 9.80
CA VAL A 82 4.60 3.34 8.47
C VAL A 82 4.89 4.82 8.25
N GLU A 83 5.90 5.06 7.41
CA GLU A 83 6.24 6.39 6.93
C GLU A 83 6.64 6.31 5.46
N PHE A 84 6.20 7.27 4.65
CA PHE A 84 6.46 7.25 3.22
C PHE A 84 7.35 8.43 2.81
N LEU A 85 8.48 8.12 2.19
CA LEU A 85 9.45 9.16 1.78
C LEU A 85 9.53 9.33 0.26
N ARG A 86 8.45 9.04 -0.44
CA ARG A 86 8.46 9.21 -1.88
C ARG A 86 8.32 10.67 -2.24
N ILE A 110 11.97 9.32 14.42
CA ILE A 110 12.93 8.30 14.00
C ILE A 110 14.13 8.26 14.94
N ARG A 111 14.06 9.05 16.00
CA ARG A 111 15.13 9.13 16.98
C ARG A 111 14.97 8.07 18.05
N GLY A 112 16.04 7.31 18.29
CA GLY A 112 16.00 6.24 19.26
C GLY A 112 15.02 5.16 18.83
N LYS A 113 14.87 5.03 17.51
CA LYS A 113 13.90 4.13 16.93
C LYS A 113 14.58 3.09 16.05
N HIS A 114 13.99 1.89 15.99
CA HIS A 114 14.44 0.87 15.06
C HIS A 114 13.75 1.03 13.70
N VAL A 115 14.50 1.52 12.72
CA VAL A 115 13.95 1.82 11.41
C VAL A 115 14.28 0.76 10.37
N LEU A 116 13.28 0.33 9.62
CA LEU A 116 13.48 -0.64 8.55
C LEU A 116 12.94 -0.11 7.22
N VAL A 117 13.85 0.27 6.34
CA VAL A 117 13.48 0.81 5.04
C VAL A 117 13.07 -0.29 4.08
N LEU A 118 12.02 -0.03 3.30
CA LEU A 118 11.54 -0.98 2.30
C LEU A 118 11.51 -0.36 0.92
N GLU A 119 11.97 -1.12 -0.07
CA GLU A 119 12.00 -0.64 -1.45
C GLU A 119 11.71 -1.78 -2.41
N ASP A 120 10.87 -1.52 -3.41
CA ASP A 120 10.46 -2.56 -4.33
C ASP A 120 11.63 -3.23 -5.05
N ILE A 121 12.44 -2.43 -5.74
CA ILE A 121 13.55 -2.95 -6.51
C ILE A 121 14.86 -2.26 -6.16
N LEU A 122 15.94 -3.02 -6.14
CA LEU A 122 17.25 -2.47 -5.83
C LEU A 122 18.18 -2.59 -7.03
N ASP A 123 18.44 -1.46 -7.67
CA ASP A 123 19.24 -1.44 -8.89
C ASP A 123 20.63 -0.89 -8.64
N THR A 124 20.82 0.41 -8.90
CA THR A 124 22.11 1.05 -8.70
C THR A 124 22.41 1.23 -7.22
N ALA A 125 21.35 1.15 -6.42
CA ALA A 125 21.44 1.30 -4.97
C ALA A 125 21.78 2.74 -4.57
N LEU A 126 21.63 3.67 -5.51
CA LEU A 126 21.89 5.06 -5.21
C LEU A 126 20.77 5.67 -4.39
N THR A 127 19.54 5.46 -4.85
CA THR A 127 18.36 5.99 -4.15
C THR A 127 18.27 5.45 -2.73
N LEU A 128 18.64 4.18 -2.56
CA LEU A 128 18.61 3.55 -1.24
C LEU A 128 19.63 4.19 -0.31
N ARG A 129 20.83 4.40 -0.81
CA ARG A 129 21.94 4.95 -0.04
C ARG A 129 21.64 6.33 0.55
N GLU A 130 21.10 7.21 -0.28
CA GLU A 130 20.80 8.58 0.15
C GLU A 130 19.70 8.59 1.20
N VAL A 131 18.67 7.79 0.98
CA VAL A 131 17.55 7.71 1.92
C VAL A 131 18.03 7.22 3.27
N VAL A 132 18.91 6.22 3.24
CA VAL A 132 19.45 5.63 4.45
C VAL A 132 20.42 6.58 5.13
N ASP A 133 21.23 7.26 4.32
CA ASP A 133 22.14 8.27 4.84
C ASP A 133 21.37 9.37 5.55
N SER A 134 20.32 9.85 4.88
CA SER A 134 19.48 10.90 5.44
C SER A 134 18.81 10.39 6.71
N LEU A 135 18.40 9.13 6.70
CA LEU A 135 17.81 8.52 7.89
C LEU A 135 18.85 8.39 8.99
N LYS A 136 20.09 8.13 8.61
CA LYS A 136 21.16 7.93 9.55
C LYS A 136 21.46 9.20 10.34
N LYS A 137 21.01 10.34 9.82
CA LYS A 137 21.30 11.63 10.44
C LYS A 137 20.22 12.01 11.47
N SER A 138 19.43 11.02 11.85
CA SER A 138 18.44 11.18 12.92
C SER A 138 18.75 10.20 14.04
N GLU A 139 19.77 9.37 13.83
CA GLU A 139 20.23 8.42 14.83
C GLU A 139 19.15 7.45 15.26
N PRO A 140 18.57 6.71 14.30
CA PRO A 140 17.64 5.65 14.69
C PRO A 140 18.39 4.57 15.45
N ALA A 141 17.66 3.75 16.22
CA ALA A 141 18.30 2.66 16.96
C ALA A 141 19.14 1.82 16.02
N SER A 142 18.48 1.13 15.11
CA SER A 142 19.14 0.42 14.03
C SER A 142 18.66 0.98 12.71
N ILE A 143 18.99 0.28 11.63
CA ILE A 143 18.52 0.65 10.30
C ILE A 143 19.00 -0.35 9.24
N LYS A 144 18.08 -1.15 8.75
CA LYS A 144 18.37 -2.14 7.73
C LYS A 144 17.52 -1.92 6.48
N THR A 145 17.77 -2.70 5.44
CA THR A 145 17.01 -2.57 4.21
C THR A 145 16.32 -3.86 3.82
N LEU A 146 15.12 -3.75 3.27
CA LEU A 146 14.36 -4.90 2.80
C LEU A 146 13.76 -4.64 1.42
N VAL A 147 14.14 -5.47 0.46
CA VAL A 147 13.66 -5.32 -0.90
C VAL A 147 12.95 -6.57 -1.39
N ALA A 148 12.03 -6.40 -2.32
CA ALA A 148 11.31 -7.52 -2.91
C ALA A 148 12.01 -8.00 -4.17
N ILE A 149 12.68 -7.07 -4.85
CA ILE A 149 13.41 -7.38 -6.07
C ILE A 149 14.79 -6.71 -6.05
N ASP A 150 15.84 -7.52 -6.16
CA ASP A 150 17.19 -6.97 -6.20
C ASP A 150 17.88 -7.30 -7.52
N LYS A 151 18.43 -6.27 -8.16
CA LYS A 151 19.20 -6.42 -9.38
C LYS A 151 20.67 -6.16 -9.07
N PRO A 152 21.35 -7.15 -8.49
CA PRO A 152 22.74 -7.03 -8.03
C PRO A 152 23.70 -6.60 -9.13
N GLY A 153 23.35 -6.87 -10.38
CA GLY A 153 24.20 -6.50 -11.50
C GLY A 153 23.98 -5.08 -12.00
N GLY A 154 23.14 -4.33 -11.30
CA GLY A 154 22.85 -2.96 -11.67
C GLY A 154 23.48 -1.97 -10.72
N ARG A 155 24.36 -2.47 -9.85
CA ARG A 155 25.00 -1.63 -8.84
C ARG A 155 25.97 -0.62 -9.42
N LYS A 156 25.70 0.67 -9.17
CA LYS A 156 26.67 1.71 -9.43
C LYS A 156 27.65 1.75 -8.26
N ILE A 157 27.08 1.78 -7.06
CA ILE A 157 27.84 1.65 -5.83
C ILE A 157 27.51 0.33 -5.15
N PRO A 158 28.46 -0.23 -4.39
CA PRO A 158 28.22 -1.45 -3.63
C PRO A 158 27.12 -1.27 -2.59
N PHE A 159 26.29 -2.29 -2.40
CA PHE A 159 25.22 -2.24 -1.42
C PHE A 159 24.61 -3.61 -1.20
N THR A 160 24.39 -3.95 0.07
CA THR A 160 23.80 -5.22 0.44
C THR A 160 22.53 -5.03 1.26
N ALA A 161 21.45 -5.66 0.83
CA ALA A 161 20.20 -5.61 1.56
C ALA A 161 20.19 -6.64 2.67
N GLU A 162 19.82 -6.20 3.87
CA GLU A 162 19.74 -7.09 5.01
C GLU A 162 18.77 -8.22 4.74
N TYR A 163 17.68 -7.90 4.04
CA TYR A 163 16.69 -8.90 3.66
C TYR A 163 16.27 -8.69 2.21
N VAL A 164 16.11 -9.80 1.48
CA VAL A 164 15.73 -9.77 0.08
C VAL A 164 14.69 -10.84 -0.23
N VAL A 165 13.68 -10.46 -1.00
CA VAL A 165 12.59 -11.36 -1.31
C VAL A 165 12.86 -12.18 -2.56
N ALA A 166 13.52 -11.57 -3.53
CA ALA A 166 13.81 -12.26 -4.80
C ALA A 166 14.91 -11.55 -5.59
N ASP A 167 15.61 -12.32 -6.41
CA ASP A 167 16.66 -11.78 -7.27
C ASP A 167 16.28 -11.91 -8.74
N VAL A 168 16.48 -10.82 -9.48
CA VAL A 168 16.24 -10.81 -10.92
C VAL A 168 17.52 -10.44 -11.65
N PRO A 169 17.68 -10.92 -12.89
CA PRO A 169 18.82 -10.55 -13.72
C PRO A 169 18.79 -9.08 -14.11
N ASN A 170 19.57 -8.71 -15.11
CA ASN A 170 19.56 -7.34 -15.60
C ASN A 170 18.57 -7.17 -16.75
N VAL A 171 17.30 -7.31 -16.43
CA VAL A 171 16.21 -7.07 -17.37
C VAL A 171 15.18 -6.14 -16.73
N PHE A 172 14.54 -5.31 -17.53
CA PHE A 172 13.57 -4.36 -17.01
C PHE A 172 12.24 -5.06 -16.69
N VAL A 173 11.73 -4.81 -15.49
CA VAL A 173 10.52 -5.46 -15.02
C VAL A 173 9.39 -4.48 -14.72
N VAL A 174 8.20 -5.03 -14.55
CA VAL A 174 7.03 -4.25 -14.15
C VAL A 174 6.11 -5.14 -13.33
N GLY A 175 5.31 -4.52 -12.47
CA GLY A 175 4.39 -5.24 -11.62
C GLY A 175 4.82 -5.26 -10.16
N TYR A 176 3.86 -5.50 -9.28
CA TYR A 176 4.08 -5.53 -7.84
C TYR A 176 4.72 -4.23 -7.36
N GLY A 177 4.29 -3.12 -7.95
CA GLY A 177 4.80 -1.81 -7.58
C GLY A 177 5.75 -1.25 -8.62
N LEU A 178 6.37 -2.14 -9.39
CA LEU A 178 7.27 -1.73 -10.45
C LEU A 178 6.47 -1.32 -11.68
N ASP A 179 6.71 -0.11 -12.17
CA ASP A 179 5.86 0.48 -13.19
C ASP A 179 6.57 0.81 -14.50
N TYR A 180 5.81 0.86 -15.58
CA TYR A 180 6.27 1.47 -16.83
C TYR A 180 5.51 2.77 -17.06
N ASP A 181 6.14 3.88 -16.70
CA ASP A 181 5.53 5.20 -16.74
C ASP A 181 4.18 5.20 -16.02
N GLN A 182 4.23 5.02 -14.71
CA GLN A 182 3.04 5.08 -13.86
C GLN A 182 2.04 4.00 -14.21
N SER A 183 2.45 3.00 -14.98
CA SER A 183 1.54 1.94 -15.37
C SER A 183 2.07 0.57 -15.03
N TYR A 184 1.16 -0.41 -15.02
CA TYR A 184 1.47 -1.81 -14.75
C TYR A 184 1.77 -2.10 -13.28
N ARG A 185 1.50 -1.14 -12.40
CA ARG A 185 1.69 -1.36 -10.97
C ARG A 185 0.67 -2.35 -10.45
N GLU A 186 -0.43 -2.52 -11.17
CA GLU A 186 -1.55 -3.35 -10.71
C GLU A 186 -1.34 -4.84 -10.99
N VAL A 187 -0.32 -5.17 -11.75
CA VAL A 187 -0.02 -6.56 -12.06
C VAL A 187 0.35 -7.31 -10.79
N ARG A 188 -0.34 -8.41 -10.53
CA ARG A 188 -0.15 -9.18 -9.30
C ARG A 188 1.18 -9.93 -9.29
N ASP A 189 1.83 -10.01 -10.45
CA ASP A 189 3.08 -10.74 -10.56
C ASP A 189 4.20 -9.89 -11.17
N VAL A 190 5.42 -10.10 -10.69
CA VAL A 190 6.59 -9.45 -11.27
C VAL A 190 6.94 -10.10 -12.60
N VAL A 191 6.78 -9.36 -13.69
CA VAL A 191 7.03 -9.90 -15.01
C VAL A 191 8.00 -9.04 -15.82
N ILE A 192 8.71 -9.68 -16.75
CA ILE A 192 9.58 -8.97 -17.68
C ILE A 192 8.73 -8.24 -18.71
N LEU A 193 9.09 -6.99 -19.00
CA LEU A 193 8.29 -6.17 -19.90
C LEU A 193 8.71 -6.33 -21.36
N LYS A 194 7.75 -6.61 -22.23
CA LYS A 194 8.01 -6.77 -23.65
C LYS A 194 8.55 -5.48 -24.26
N PRO A 195 9.50 -5.60 -25.20
CA PRO A 195 10.20 -4.48 -25.83
C PRO A 195 9.30 -3.62 -26.71
N SER A 196 8.29 -4.24 -27.30
CA SER A 196 7.37 -3.53 -28.18
C SER A 196 6.66 -2.41 -27.43
N VAL A 197 6.41 -2.64 -26.15
CA VAL A 197 5.66 -1.72 -25.31
C VAL A 197 6.37 -0.39 -25.08
N TYR A 198 7.70 -0.41 -25.03
CA TYR A 198 8.43 0.83 -24.77
C TYR A 198 9.40 1.24 -25.87
N GLU A 199 9.27 0.61 -27.04
CA GLU A 199 9.89 1.15 -28.25
C GLU A 199 8.84 1.96 -28.97
N THR A 200 7.61 1.45 -28.94
CA THR A 200 6.46 2.11 -29.53
C THR A 200 6.03 3.31 -28.69
N TRP A 201 6.23 3.21 -27.38
CA TRP A 201 5.71 4.20 -26.45
C TRP A 201 6.72 5.30 -26.15
N GLY A 202 8.00 5.01 -26.35
CA GLY A 202 9.06 5.92 -25.97
C GLY A 202 9.44 6.95 -27.02
N LYS A 203 8.82 6.86 -28.19
CA LYS A 203 9.13 7.78 -29.29
C LYS A 203 8.61 9.18 -29.00
N CYS B 11 -11.97 -11.91 22.25
CA CYS B 11 -12.11 -11.94 20.80
C CYS B 11 -10.98 -12.74 20.14
N LYS B 12 -10.79 -12.51 18.84
CA LYS B 12 -9.72 -13.17 18.11
C LYS B 12 -8.41 -12.41 18.28
N TYR B 13 -8.52 -11.19 18.78
CA TYR B 13 -7.35 -10.37 19.05
C TYR B 13 -7.26 -10.05 20.54
N ASP B 14 -6.15 -9.44 20.94
CA ASP B 14 -5.86 -9.21 22.35
C ASP B 14 -5.87 -7.74 22.75
N PHE B 15 -6.44 -6.90 21.89
CA PHE B 15 -6.64 -5.48 22.20
C PHE B 15 -7.91 -4.97 21.55
N ALA B 16 -8.81 -5.88 21.22
CA ALA B 16 -10.07 -5.54 20.59
C ALA B 16 -11.25 -6.07 21.39
N THR B 17 -12.44 -5.57 21.07
CA THR B 17 -13.66 -6.07 21.69
C THR B 17 -14.54 -6.73 20.66
N SER B 18 -14.33 -6.38 19.40
CA SER B 18 -15.11 -6.95 18.31
C SER B 18 -14.45 -6.76 16.95
N VAL B 19 -14.56 -7.79 16.11
CA VAL B 19 -14.05 -7.74 14.76
C VAL B 19 -15.19 -7.37 13.82
N LEU B 20 -15.26 -6.10 13.44
CA LEU B 20 -16.33 -5.62 12.58
C LEU B 20 -16.32 -6.33 11.23
N PHE B 21 -15.27 -6.11 10.44
CA PHE B 21 -15.17 -6.75 9.14
C PHE B 21 -13.84 -7.47 8.98
N THR B 22 -13.91 -8.71 8.50
CA THR B 22 -12.70 -9.50 8.30
C THR B 22 -12.11 -9.23 6.93
N GLU B 23 -10.96 -9.84 6.65
CA GLU B 23 -10.28 -9.63 5.38
C GLU B 23 -11.00 -10.35 4.24
N ALA B 24 -11.68 -11.44 4.56
CA ALA B 24 -12.40 -12.22 3.56
C ALA B 24 -13.67 -11.51 3.11
N GLU B 25 -14.13 -10.57 3.94
CA GLU B 25 -15.36 -9.85 3.68
C GLU B 25 -15.11 -8.64 2.78
N LEU B 26 -14.04 -7.91 3.07
CA LEU B 26 -13.72 -6.70 2.32
C LEU B 26 -13.32 -7.02 0.89
N HIS B 27 -12.42 -7.97 0.70
CA HIS B 27 -12.01 -8.40 -0.62
C HIS B 27 -13.21 -8.89 -1.43
N THR B 28 -14.13 -9.57 -0.76
CA THR B 28 -15.34 -10.05 -1.40
C THR B 28 -16.22 -8.88 -1.81
N ARG B 29 -16.21 -7.83 -0.98
CA ARG B 29 -16.97 -6.63 -1.25
C ARG B 29 -16.28 -5.78 -2.31
N MET B 30 -14.95 -5.74 -2.25
CA MET B 30 -14.17 -4.95 -3.19
C MET B 30 -14.17 -5.57 -4.58
N ARG B 31 -14.43 -6.88 -4.65
CA ARG B 31 -14.61 -7.55 -5.93
C ARG B 31 -15.98 -7.19 -6.50
N GLY B 32 -16.94 -6.99 -5.60
CA GLY B 32 -18.28 -6.58 -5.98
C GLY B 32 -18.31 -5.15 -6.49
N VAL B 33 -17.57 -4.27 -5.83
CA VAL B 33 -17.49 -2.88 -6.27
C VAL B 33 -16.65 -2.78 -7.54
N ALA B 34 -15.66 -3.67 -7.66
CA ALA B 34 -14.81 -3.70 -8.84
C ALA B 34 -15.60 -4.06 -10.09
N GLN B 35 -16.59 -4.94 -9.90
CA GLN B 35 -17.49 -5.31 -10.98
C GLN B 35 -18.43 -4.15 -11.31
N ARG B 36 -18.73 -3.32 -10.31
CA ARG B 36 -19.55 -2.14 -10.53
C ARG B 36 -18.77 -1.07 -11.30
N ILE B 37 -17.49 -0.93 -10.96
CA ILE B 37 -16.63 0.06 -11.60
C ILE B 37 -16.23 -0.39 -13.00
N ALA B 38 -16.19 -1.70 -13.21
CA ALA B 38 -15.87 -2.25 -14.52
C ALA B 38 -17.06 -2.09 -15.47
N ASP B 39 -18.26 -2.11 -14.90
CA ASP B 39 -19.47 -1.89 -15.66
C ASP B 39 -19.68 -0.42 -15.98
N ASP B 40 -19.46 0.44 -14.97
CA ASP B 40 -19.65 1.87 -15.15
C ASP B 40 -18.57 2.47 -16.03
N TYR B 41 -17.42 1.82 -16.09
CA TYR B 41 -16.31 2.35 -16.87
C TYR B 41 -16.00 1.45 -18.07
N SER B 42 -17.03 0.97 -18.74
CA SER B 42 -16.85 0.15 -19.92
C SER B 42 -17.01 0.99 -21.19
N ASN B 43 -17.56 2.18 -21.03
CA ASN B 43 -17.72 3.10 -22.14
C ASN B 43 -16.67 4.20 -22.09
N CYS B 44 -15.58 3.92 -21.38
CA CYS B 44 -14.51 4.89 -21.23
C CYS B 44 -13.30 4.50 -22.09
N ASN B 45 -13.29 3.25 -22.55
CA ASN B 45 -12.13 2.70 -23.25
C ASN B 45 -10.88 2.78 -22.38
N LEU B 46 -10.89 2.04 -21.27
CA LEU B 46 -9.77 2.04 -20.36
C LEU B 46 -8.66 1.08 -20.78
N LYS B 47 -7.53 1.65 -21.20
CA LYS B 47 -6.36 0.87 -21.60
C LYS B 47 -5.14 1.30 -20.79
N PRO B 48 -4.16 0.40 -20.68
CA PRO B 48 -2.88 0.81 -20.06
C PRO B 48 -2.26 1.97 -20.81
N LEU B 49 -1.59 2.85 -20.08
CA LEU B 49 -0.86 3.97 -20.66
C LEU B 49 -1.77 5.00 -21.29
N GLU B 50 -2.45 4.63 -22.37
CA GLU B 50 -3.25 5.58 -23.14
C GLU B 50 -4.42 6.16 -22.36
N ASN B 51 -5.25 5.29 -21.79
CA ASN B 51 -6.39 5.78 -21.02
C ASN B 51 -6.68 4.92 -19.80
N PRO B 52 -5.72 4.87 -18.86
CA PRO B 52 -5.88 4.13 -17.60
C PRO B 52 -6.56 4.98 -16.52
N LEU B 53 -7.41 4.34 -15.72
CA LEU B 53 -8.10 5.03 -14.64
C LEU B 53 -7.10 5.49 -13.58
N VAL B 54 -7.27 6.72 -13.10
CA VAL B 54 -6.36 7.27 -12.11
C VAL B 54 -6.87 7.07 -10.70
N ILE B 55 -5.99 6.57 -9.83
CA ILE B 55 -6.32 6.39 -8.42
C ILE B 55 -5.62 7.45 -7.57
N VAL B 56 -6.42 8.29 -6.91
CA VAL B 56 -5.89 9.28 -6.00
C VAL B 56 -5.94 8.77 -4.58
N SER B 57 -4.77 8.47 -4.02
CA SER B 57 -4.68 7.84 -2.71
C SER B 57 -4.42 8.85 -1.60
N VAL B 58 -5.50 9.33 -0.99
CA VAL B 58 -5.42 10.32 0.08
C VAL B 58 -4.96 9.67 1.39
N LEU B 59 -4.56 10.51 2.34
CA LEU B 59 -4.20 10.05 3.67
C LEU B 59 -2.96 9.16 3.67
N LYS B 60 -2.62 8.64 4.84
CA LYS B 60 -1.46 7.77 4.99
C LYS B 60 -1.89 6.33 5.26
N GLY B 61 -3.17 6.14 5.55
CA GLY B 61 -3.70 4.82 5.85
C GLY B 61 -4.51 4.22 4.72
N SER B 62 -4.36 4.77 3.52
CA SER B 62 -5.11 4.30 2.36
C SER B 62 -4.24 3.45 1.46
N PHE B 63 -3.03 3.17 1.92
CA PHE B 63 -2.05 2.47 1.09
C PHE B 63 -2.30 0.97 1.09
N VAL B 64 -3.01 0.49 2.10
CA VAL B 64 -3.37 -0.92 2.15
C VAL B 64 -4.58 -1.18 1.26
N PHE B 65 -5.56 -0.29 1.37
CA PHE B 65 -6.78 -0.39 0.58
C PHE B 65 -6.48 -0.13 -0.90
N THR B 66 -5.54 0.77 -1.17
CA THR B 66 -5.16 1.11 -2.53
C THR B 66 -4.42 -0.03 -3.20
N ALA B 67 -3.51 -0.66 -2.47
CA ALA B 67 -2.74 -1.77 -2.99
C ALA B 67 -3.64 -2.96 -3.30
N ASP B 68 -4.67 -3.16 -2.48
CA ASP B 68 -5.61 -4.24 -2.69
C ASP B 68 -6.57 -3.93 -3.83
N MET B 69 -6.95 -2.66 -3.96
CA MET B 69 -7.97 -2.26 -4.92
C MET B 69 -7.47 -2.22 -6.36
N VAL B 70 -6.25 -1.73 -6.53
CA VAL B 70 -5.67 -1.62 -7.87
C VAL B 70 -5.42 -2.97 -8.50
N ARG B 71 -5.31 -4.00 -7.67
CA ARG B 71 -5.10 -5.36 -8.17
C ARG B 71 -6.43 -6.11 -8.32
N ILE B 72 -7.49 -5.58 -7.74
CA ILE B 72 -8.81 -6.15 -7.91
C ILE B 72 -9.48 -5.54 -9.12
N LEU B 73 -9.13 -4.29 -9.42
CA LEU B 73 -9.65 -3.63 -10.61
C LEU B 73 -8.92 -4.12 -11.84
N GLY B 74 -7.66 -4.50 -11.67
CA GLY B 74 -6.86 -5.04 -12.75
C GLY B 74 -7.38 -6.41 -13.15
N ASP B 75 -7.85 -7.18 -12.17
CA ASP B 75 -8.39 -8.51 -12.43
C ASP B 75 -9.81 -8.42 -13.00
N PHE B 76 -10.41 -7.24 -12.89
CA PHE B 76 -11.71 -6.97 -13.49
C PHE B 76 -11.55 -6.15 -14.76
N GLY B 77 -10.37 -6.22 -15.35
CA GLY B 77 -10.09 -5.55 -16.61
C GLY B 77 -10.05 -4.04 -16.54
N VAL B 78 -10.05 -3.49 -15.33
CA VAL B 78 -10.01 -2.04 -15.17
C VAL B 78 -8.60 -1.58 -14.83
N PRO B 79 -7.81 -1.21 -15.86
CA PRO B 79 -6.40 -0.83 -15.68
C PRO B 79 -6.25 0.53 -15.02
N THR B 80 -5.26 0.67 -14.16
CA THR B 80 -5.11 1.91 -13.39
C THR B 80 -3.70 2.48 -13.34
N ARG B 81 -3.61 3.72 -12.89
CA ARG B 81 -2.36 4.39 -12.59
C ARG B 81 -2.55 5.20 -11.31
N VAL B 82 -1.73 4.92 -10.30
CA VAL B 82 -1.93 5.51 -8.98
C VAL B 82 -1.20 6.83 -8.78
N GLU B 83 -1.69 7.58 -7.79
CA GLU B 83 -1.04 8.81 -7.35
C GLU B 83 -1.35 9.01 -5.88
N PHE B 84 -0.47 9.71 -5.17
CA PHE B 84 -0.63 9.85 -3.73
C PHE B 84 -0.65 11.31 -3.28
N LEU B 85 -1.71 11.70 -2.60
CA LEU B 85 -1.87 13.04 -2.09
C LEU B 85 -2.00 13.04 -0.57
N ARG B 86 -0.91 12.74 0.11
CA ARG B 86 -0.92 12.69 1.57
C ARG B 86 0.00 13.76 2.14
N ARG B 111 -6.97 16.17 -16.82
CA ARG B 111 -7.76 16.59 -17.97
C ARG B 111 -7.94 15.47 -18.97
N GLY B 112 -9.20 15.22 -19.34
CA GLY B 112 -9.52 14.15 -20.27
C GLY B 112 -9.39 12.80 -19.61
N LYS B 113 -9.25 12.81 -18.29
CA LYS B 113 -9.06 11.59 -17.52
C LYS B 113 -10.17 11.35 -16.51
N HIS B 114 -10.68 10.13 -16.48
CA HIS B 114 -11.58 9.70 -15.42
C HIS B 114 -10.78 9.42 -14.16
N VAL B 115 -10.85 10.32 -13.18
CA VAL B 115 -10.08 10.17 -11.95
C VAL B 115 -10.91 9.53 -10.83
N LEU B 116 -10.25 8.69 -10.04
CA LEU B 116 -10.91 8.03 -8.92
C LEU B 116 -10.14 8.24 -7.61
N VAL B 117 -10.81 8.87 -6.64
CA VAL B 117 -10.21 9.17 -5.35
C VAL B 117 -10.49 8.06 -4.35
N LEU B 118 -9.43 7.56 -3.72
CA LEU B 118 -9.55 6.49 -2.75
C LEU B 118 -9.12 6.92 -1.36
N GLU B 119 -9.91 6.51 -0.37
CA GLU B 119 -9.62 6.84 1.02
C GLU B 119 -9.88 5.63 1.91
N ASP B 120 -9.12 5.52 2.98
CA ASP B 120 -9.27 4.41 3.90
C ASP B 120 -10.62 4.45 4.61
N ILE B 121 -11.01 5.64 5.06
CA ILE B 121 -12.27 5.81 5.78
C ILE B 121 -12.90 7.17 5.52
N LEU B 122 -14.22 7.21 5.48
CA LEU B 122 -14.95 8.45 5.25
C LEU B 122 -15.82 8.79 6.45
N ASP B 123 -15.31 9.65 7.32
CA ASP B 123 -16.02 10.03 8.54
C ASP B 123 -16.65 11.41 8.40
N THR B 124 -15.89 12.44 8.75
CA THR B 124 -16.40 13.82 8.69
C THR B 124 -16.60 14.26 7.26
N ALA B 125 -15.82 13.67 6.36
CA ALA B 125 -15.96 13.91 4.92
C ALA B 125 -15.54 15.32 4.52
N LEU B 126 -14.68 15.94 5.33
CA LEU B 126 -14.21 17.27 5.00
C LEU B 126 -13.00 17.22 4.08
N THR B 127 -12.21 16.17 4.24
CA THR B 127 -11.01 15.98 3.41
C THR B 127 -11.36 15.76 1.95
N LEU B 128 -12.19 14.75 1.68
CA LEU B 128 -12.56 14.40 0.31
C LEU B 128 -13.16 15.58 -0.44
N ARG B 129 -14.12 16.24 0.20
CA ARG B 129 -14.80 17.39 -0.38
C ARG B 129 -13.82 18.39 -0.98
N GLU B 130 -12.83 18.78 -0.17
CA GLU B 130 -11.78 19.66 -0.62
C GLU B 130 -10.97 19.00 -1.74
N VAL B 131 -10.54 17.77 -1.48
CA VAL B 131 -9.75 17.02 -2.44
C VAL B 131 -10.53 16.77 -3.72
N VAL B 132 -11.81 16.41 -3.57
CA VAL B 132 -12.66 16.18 -4.72
C VAL B 132 -12.88 17.47 -5.50
N ASP B 133 -13.23 18.54 -4.79
CA ASP B 133 -13.42 19.84 -5.41
C ASP B 133 -12.12 20.37 -5.99
N SER B 134 -11.01 19.85 -5.51
CA SER B 134 -9.70 20.32 -5.94
C SER B 134 -9.18 19.51 -7.14
N LEU B 135 -9.84 18.40 -7.43
CA LEU B 135 -9.46 17.60 -8.59
C LEU B 135 -10.22 18.09 -9.81
N LYS B 136 -11.09 19.07 -9.57
CA LYS B 136 -11.93 19.65 -10.62
C LYS B 136 -11.28 20.87 -11.26
N LYS B 137 -10.34 21.48 -10.54
CA LYS B 137 -9.64 22.66 -11.05
C LYS B 137 -8.68 22.28 -12.18
N SER B 138 -8.44 20.99 -12.32
CA SER B 138 -7.69 20.46 -13.46
C SER B 138 -8.62 19.62 -14.29
N GLU B 139 -9.87 20.09 -14.38
CA GLU B 139 -11.03 19.33 -14.85
C GLU B 139 -10.74 17.99 -15.53
N PRO B 140 -11.07 16.90 -14.83
CA PRO B 140 -10.95 15.54 -15.33
C PRO B 140 -12.07 15.20 -16.30
N ALA B 141 -12.02 13.99 -16.86
CA ALA B 141 -13.12 13.49 -17.68
C ALA B 141 -14.33 13.24 -16.79
N SER B 142 -14.10 12.52 -15.71
CA SER B 142 -15.11 12.32 -14.68
C SER B 142 -14.41 12.04 -13.36
N ILE B 143 -15.07 12.34 -12.25
CA ILE B 143 -14.45 12.12 -10.95
C ILE B 143 -15.45 11.58 -9.91
N LYS B 144 -15.18 10.39 -9.42
CA LYS B 144 -15.99 9.77 -8.38
C LYS B 144 -15.12 9.43 -7.18
N THR B 145 -15.73 8.95 -6.10
CA THR B 145 -15.00 8.61 -4.89
C THR B 145 -15.19 7.16 -4.45
N LEU B 146 -14.10 6.54 -4.02
CA LEU B 146 -14.16 5.17 -3.52
C LEU B 146 -13.51 5.03 -2.15
N VAL B 147 -14.33 4.75 -1.16
CA VAL B 147 -13.85 4.52 0.20
C VAL B 147 -14.12 3.09 0.63
N ALA B 148 -13.19 2.51 1.40
CA ALA B 148 -13.35 1.17 1.91
C ALA B 148 -14.30 1.16 3.10
N ILE B 149 -14.18 2.18 3.94
CA ILE B 149 -15.01 2.28 5.14
C ILE B 149 -15.73 3.61 5.19
N ASP B 150 -17.05 3.56 5.16
CA ASP B 150 -17.85 4.77 5.24
C ASP B 150 -18.45 4.93 6.63
N LYS B 151 -18.20 6.08 7.25
CA LYS B 151 -18.82 6.42 8.52
C LYS B 151 -19.82 7.54 8.29
N PRO B 152 -20.97 7.20 7.71
CA PRO B 152 -22.00 8.16 7.32
C PRO B 152 -22.62 8.86 8.51
N GLY B 153 -22.38 8.33 9.70
CA GLY B 153 -22.95 8.89 10.92
C GLY B 153 -22.15 10.02 11.52
N GLY B 154 -20.99 10.29 10.95
CA GLY B 154 -20.12 11.35 11.46
C GLY B 154 -19.86 12.45 10.45
N ARG B 155 -20.91 12.82 9.71
CA ARG B 155 -20.81 13.85 8.69
C ARG B 155 -20.90 15.24 9.29
N LYS B 156 -20.26 16.21 8.64
CA LYS B 156 -20.39 17.62 9.01
C LYS B 156 -20.89 18.40 7.81
N ILE B 157 -20.52 17.93 6.63
CA ILE B 157 -21.09 18.41 5.38
C ILE B 157 -21.61 17.20 4.60
N PRO B 158 -22.69 17.38 3.84
CA PRO B 158 -23.32 16.26 3.14
C PRO B 158 -22.49 15.68 2.00
N PHE B 159 -21.70 14.64 2.28
CA PHE B 159 -20.94 13.98 1.23
C PHE B 159 -21.45 12.57 0.98
N THR B 160 -21.37 12.13 -0.27
CA THR B 160 -21.77 10.78 -0.63
C THR B 160 -20.81 10.21 -1.68
N ALA B 161 -20.14 9.12 -1.33
CA ALA B 161 -19.25 8.46 -2.26
C ALA B 161 -20.04 7.57 -3.19
N GLU B 162 -19.61 7.49 -4.44
CA GLU B 162 -20.29 6.66 -5.41
C GLU B 162 -20.10 5.19 -5.08
N TYR B 163 -18.97 4.87 -4.44
CA TYR B 163 -18.63 3.49 -4.12
C TYR B 163 -18.11 3.33 -2.69
N VAL B 164 -18.81 2.48 -1.93
CA VAL B 164 -18.41 2.15 -0.57
C VAL B 164 -18.33 0.64 -0.42
N VAL B 165 -17.24 0.17 0.20
CA VAL B 165 -17.04 -1.27 0.37
C VAL B 165 -17.82 -1.80 1.56
N ALA B 166 -17.97 -0.98 2.59
CA ALA B 166 -18.66 -1.41 3.80
C ALA B 166 -19.01 -0.23 4.70
N ASP B 167 -20.11 -0.37 5.44
CA ASP B 167 -20.51 0.63 6.42
C ASP B 167 -20.20 0.20 7.84
N VAL B 168 -19.95 1.18 8.72
N VAL B 168 -19.97 1.18 8.71
CA VAL B 168 -19.72 0.90 10.13
CA VAL B 168 -19.68 0.92 10.12
C VAL B 168 -20.30 2.00 10.99
C VAL B 168 -20.28 2.01 11.01
N PRO B 169 -20.90 1.60 12.12
CA PRO B 169 -21.47 2.53 13.10
C PRO B 169 -20.39 3.43 13.69
N ASN B 170 -20.80 4.53 14.32
CA ASN B 170 -19.85 5.49 14.86
C ASN B 170 -18.98 4.92 15.99
N VAL B 171 -18.20 3.90 15.65
CA VAL B 171 -17.22 3.33 16.56
C VAL B 171 -15.82 3.51 15.95
N PHE B 172 -14.81 3.50 16.80
CA PHE B 172 -13.42 3.66 16.34
C PHE B 172 -12.81 2.32 15.97
N VAL B 173 -12.46 2.16 14.70
CA VAL B 173 -12.01 0.88 14.20
C VAL B 173 -10.63 0.94 13.55
N VAL B 174 -9.69 0.18 14.10
CA VAL B 174 -8.35 0.05 13.55
C VAL B 174 -8.24 -1.21 12.69
N GLY B 175 -7.26 -1.23 11.80
CA GLY B 175 -7.07 -2.35 10.90
C GLY B 175 -7.23 -1.93 9.44
N TYR B 176 -6.66 -2.71 8.54
CA TYR B 176 -6.67 -2.40 7.11
C TYR B 176 -6.11 -1.01 6.85
N GLY B 177 -4.97 -0.71 7.47
CA GLY B 177 -4.33 0.59 7.29
C GLY B 177 -4.74 1.66 8.30
N LEU B 178 -5.84 1.44 9.02
CA LEU B 178 -6.31 2.44 9.97
C LEU B 178 -5.46 2.44 11.24
N ASP B 179 -5.24 3.62 11.80
CA ASP B 179 -4.27 3.81 12.88
C ASP B 179 -4.83 4.46 14.14
N TYR B 180 -4.23 4.11 15.28
CA TYR B 180 -4.37 4.90 16.49
C TYR B 180 -2.99 5.41 16.90
N ASP B 181 -2.69 6.64 16.54
CA ASP B 181 -1.36 7.21 16.73
C ASP B 181 -0.32 6.37 15.99
N GLN B 182 -0.60 6.04 14.74
CA GLN B 182 0.35 5.40 13.83
C GLN B 182 0.55 3.91 14.09
N SER B 183 -0.30 3.33 14.92
CA SER B 183 -0.16 1.91 15.23
C SER B 183 -1.40 1.10 14.85
N TYR B 184 -1.22 -0.22 14.77
CA TYR B 184 -2.30 -1.17 14.49
C TYR B 184 -2.80 -1.11 13.04
N ARG B 185 -2.06 -0.44 12.16
CA ARG B 185 -2.41 -0.40 10.75
C ARG B 185 -2.29 -1.79 10.14
N GLU B 186 -1.34 -2.56 10.65
CA GLU B 186 -1.00 -3.86 10.11
C GLU B 186 -2.09 -4.92 10.33
N VAL B 187 -3.15 -4.54 11.03
CA VAL B 187 -4.24 -5.47 11.29
C VAL B 187 -5.00 -5.76 10.00
N ARG B 188 -5.13 -7.04 9.69
CA ARG B 188 -5.79 -7.47 8.46
C ARG B 188 -7.30 -7.24 8.51
N ASP B 189 -7.82 -7.06 9.71
CA ASP B 189 -9.26 -6.88 9.90
C ASP B 189 -9.60 -5.51 10.46
N VAL B 190 -10.82 -5.05 10.20
CA VAL B 190 -11.32 -3.84 10.84
C VAL B 190 -11.91 -4.23 12.19
N VAL B 191 -11.27 -3.77 13.26
CA VAL B 191 -11.68 -4.13 14.61
C VAL B 191 -11.86 -2.90 15.48
N ILE B 192 -12.27 -3.11 16.72
CA ILE B 192 -12.46 -2.00 17.67
C ILE B 192 -11.47 -2.09 18.83
N LEU B 193 -10.69 -1.03 19.02
CA LEU B 193 -9.67 -1.00 20.07
C LEU B 193 -10.26 -0.88 21.46
N LYS B 194 -9.82 -1.76 22.36
CA LYS B 194 -10.27 -1.73 23.75
C LYS B 194 -9.75 -0.48 24.45
N PRO B 195 -10.65 0.24 25.12
CA PRO B 195 -10.33 1.47 25.87
C PRO B 195 -9.07 1.32 26.70
N SER B 196 -8.90 0.15 27.31
CA SER B 196 -7.70 -0.14 28.08
C SER B 196 -6.45 0.16 27.27
N VAL B 197 -6.48 -0.25 26.00
CA VAL B 197 -5.37 0.02 25.09
C VAL B 197 -5.22 1.51 24.87
N TYR B 198 -6.35 2.21 24.85
CA TYR B 198 -6.35 3.65 24.68
C TYR B 198 -6.01 4.33 26.00
N GLU B 199 -6.30 3.66 27.11
CA GLU B 199 -6.00 4.20 28.43
C GLU B 199 -4.59 3.81 28.88
N THR B 200 -4.24 2.55 28.64
CA THR B 200 -2.94 2.03 29.06
C THR B 200 -1.79 2.81 28.40
N TRP B 201 -2.08 3.39 27.24
CA TRP B 201 -1.11 4.18 26.52
C TRP B 201 -1.16 5.63 27.00
N GLY B 202 -2.17 5.93 27.81
CA GLY B 202 -2.39 7.29 28.29
C GLY B 202 -1.34 7.81 29.25
N LYS B 203 -1.03 7.00 30.26
CA LYS B 203 -0.09 7.41 31.30
C LYS B 203 1.34 7.00 30.99
N GLU B 204 1.62 6.85 29.69
CA GLU B 204 3.00 6.71 29.22
C GLU B 204 3.36 8.01 28.50
N LEU B 205 2.34 8.71 28.02
CA LEU B 205 2.52 10.03 27.44
C LEU B 205 2.58 11.05 28.58
N GLU B 206 3.33 12.13 28.36
CA GLU B 206 3.45 13.18 29.36
C GLU B 206 4.24 14.37 28.81
#